data_4H4B
#
_entry.id   4H4B
#
_cell.length_a   91.11
_cell.length_b   126.83
_cell.length_c   130.4
_cell.angle_alpha   90.00
_cell.angle_beta   90.00
_cell.angle_gamma   90.00
#
_symmetry.space_group_name_H-M   'I 2 2 2'
#
loop_
_entity.id
_entity.type
_entity.pdbx_description
1 polymer "Cytosolic purine 5'-nucleotidase"
2 non-polymer '9,10-dioxo-9,10-dihydroanthracene-2,6-disulfonic acid'
3 non-polymer GLYCEROL
4 non-polymer 'MAGNESIUM ION'
5 non-polymer 'SULFATE ION'
6 water water
#
_entity_poly.entity_id   1
_entity_poly.type   'polypeptide(L)'
_entity_poly.pdbx_seq_one_letter_code
;MGSSHHHHHHSSGLVPRGSMSTSWSDRLQNAADMPANMDKHALKKYRREAYHRVFVNRSLAMEKIKCFGFDMDYTLAVYK
SPEYESLGFELTVERLVSIGYPQELLSFAYDSTFPTRGLVFDTLYGNLLKVDAYGNLLVCAHGFNFIRGPETREQYPNKF
IQRDDTERFYILNTLFNLPETYLLACLVDFFTNCPRYTSCETGFKDGDLFMSYRSMFQDVRDAVDWVHYKGSLKEKTVEN
LEKYVVKDGKLPLLLSRMKEVGKVFLATNSDYKYTDKIMTYLFDFPHGPKPGSSHRPWQSYFDLILVDARKPLFFGEGTV
LRQVDTKTGKLKIGTYTGPLQHGIVYSGGSSDTICDLLGAKGKDILYIGDHIFGDILKSKKRQGWRTFLVIPELAQELHV
WTDKSSLFEELQSLDIFLAELYKHLDSSSNERPDISSIQRRIKKVTHDMDMCYGMMGSLFRSGSRQTLFASQVMRYADLY
AASFINLLYYPFSYLFRAAHVLMPHESTVEHTHVDINEMESPLATRNRTSVDFKDTDYKRHQLTRSISEIKPPNL
;
_entity_poly.pdbx_strand_id   A
#
loop_
_chem_comp.id
_chem_comp.type
_chem_comp.name
_chem_comp.formula
11H non-polymer '9,10-dioxo-9,10-dihydroanthracene-2,6-disulfonic acid' 'C14 H8 O8 S2'
GOL non-polymer GLYCEROL 'C3 H8 O3'
MG non-polymer 'MAGNESIUM ION' 'Mg 2'
SO4 non-polymer 'SULFATE ION' 'O4 S -2'
#
# COMPACT_ATOMS: atom_id res chain seq x y z
N THR A 22 -9.49 6.80 16.63
CA THR A 22 -8.37 7.60 16.02
C THR A 22 -7.29 6.74 15.32
N SER A 23 -7.61 6.33 14.10
CA SER A 23 -6.77 5.52 13.21
C SER A 23 -5.64 6.32 12.54
N TRP A 24 -5.25 5.89 11.32
CA TRP A 24 -4.15 6.51 10.59
C TRP A 24 -4.59 7.51 9.51
N SER A 25 -5.74 7.29 8.89
CA SER A 25 -6.24 8.27 7.92
C SER A 25 -6.73 9.57 8.62
N ASP A 26 -7.10 9.46 9.91
CA ASP A 26 -7.37 10.61 10.78
C ASP A 26 -6.14 11.50 10.95
N ARG A 27 -4.99 10.87 11.24
CA ARG A 27 -3.70 11.54 11.29
C ARG A 27 -3.40 12.32 10.00
N LEU A 28 -3.54 11.67 8.83
CA LEU A 28 -3.30 12.29 7.52
C LEU A 28 -4.25 13.46 7.21
N GLN A 29 -5.54 13.27 7.50
CA GLN A 29 -6.52 14.35 7.35
C GLN A 29 -6.33 15.45 8.43
N ASN A 30 -5.65 15.14 9.55
CA ASN A 30 -5.23 16.21 10.48
C ASN A 30 -4.09 17.03 9.90
N ALA A 31 -3.06 16.34 9.40
CA ALA A 31 -1.88 16.95 8.77
C ALA A 31 -2.27 17.74 7.53
N ALA A 32 -3.18 17.14 6.76
CA ALA A 32 -3.76 17.71 5.54
C ALA A 32 -4.43 19.06 5.76
N ASP A 33 -5.03 19.23 6.94
CA ASP A 33 -5.91 20.37 7.22
C ASP A 33 -5.21 21.66 7.59
N MET A 34 -3.91 21.58 7.93
CA MET A 34 -3.13 22.79 8.17
C MET A 34 -2.42 23.25 6.87
N PRO A 35 -2.53 24.55 6.51
CA PRO A 35 -1.73 25.11 5.40
C PRO A 35 -0.24 25.12 5.73
N ALA A 36 0.60 24.98 4.71
CA ALA A 36 2.04 24.90 4.93
C ALA A 36 2.58 26.26 5.28
N ASN A 37 3.40 26.34 6.33
CA ASN A 37 4.19 27.55 6.59
C ASN A 37 5.46 27.39 5.79
N MET A 38 5.57 28.13 4.67
CA MET A 38 6.64 27.91 3.69
C MET A 38 7.94 28.66 3.98
N ASP A 39 7.93 29.33 5.13
CA ASP A 39 9.13 29.86 5.77
C ASP A 39 10.14 28.71 5.94
N LYS A 40 11.39 28.94 5.55
CA LYS A 40 12.45 27.91 5.52
C LYS A 40 12.77 27.29 6.90
N HIS A 41 12.98 28.15 7.90
CA HIS A 41 13.17 27.74 9.31
C HIS A 41 12.05 26.83 9.86
N ALA A 42 10.80 27.22 9.61
CA ALA A 42 9.64 26.49 10.12
C ALA A 42 9.40 25.17 9.38
N LEU A 43 9.94 25.04 8.17
CA LEU A 43 9.91 23.78 7.44
C LEU A 43 10.88 22.80 8.06
N LYS A 44 12.13 23.24 8.28
CA LYS A 44 13.17 22.43 8.94
C LYS A 44 12.69 21.85 10.30
N LYS A 45 11.98 22.67 11.08
CA LYS A 45 11.43 22.26 12.38
C LYS A 45 10.19 21.35 12.27
N TYR A 46 9.35 21.59 11.26
CA TYR A 46 8.19 20.73 10.96
C TYR A 46 8.62 19.27 10.74
N ARG A 47 9.52 19.08 9.78
CA ARG A 47 10.09 17.78 9.42
C ARG A 47 11.07 17.26 10.45
N ARG A 48 11.12 17.87 11.64
CA ARG A 48 11.82 17.23 12.75
C ARG A 48 10.88 16.18 13.34
N GLU A 49 9.62 16.54 13.59
CA GLU A 49 8.64 15.56 14.10
C GLU A 49 8.42 14.43 13.09
N ALA A 50 8.37 13.20 13.60
CA ALA A 50 8.63 12.03 12.78
C ALA A 50 7.55 11.73 11.74
N TYR A 51 6.32 12.10 12.05
CA TYR A 51 5.16 11.91 11.14
C TYR A 51 5.38 12.67 9.82
N HIS A 52 6.35 13.57 9.82
CA HIS A 52 6.59 14.47 8.71
C HIS A 52 7.95 14.26 8.07
N ARG A 53 8.74 13.34 8.63
CA ARG A 53 10.07 13.03 8.10
C ARG A 53 9.94 12.25 6.83
N VAL A 54 10.92 12.44 5.97
CA VAL A 54 11.16 11.50 4.92
C VAL A 54 12.33 10.61 5.44
N PHE A 55 12.17 9.29 5.32
CA PHE A 55 13.17 8.32 5.79
C PHE A 55 13.99 7.77 4.65
N VAL A 56 15.29 7.62 4.90
CA VAL A 56 16.19 7.29 3.82
C VAL A 56 16.76 5.92 3.98
N ASN A 57 16.67 5.14 2.92
CA ASN A 57 17.31 3.84 2.88
C ASN A 57 18.57 3.78 2.06
N ARG A 58 18.62 4.54 0.95
CA ARG A 58 19.87 4.75 0.20
C ARG A 58 19.96 6.20 -0.19
N SER A 59 21.12 6.82 -0.04
CA SER A 59 21.27 8.25 -0.28
C SER A 59 20.69 8.65 -1.60
N LEU A 60 20.18 9.88 -1.68
CA LEU A 60 19.52 10.39 -2.89
C LEU A 60 19.65 11.90 -2.91
N ALA A 61 20.18 12.43 -4.01
CA ALA A 61 20.44 13.85 -4.12
C ALA A 61 19.30 14.44 -4.91
N MET A 62 18.37 15.10 -4.22
CA MET A 62 17.20 15.66 -4.91
C MET A 62 17.55 16.64 -6.03
N GLU A 63 18.69 17.32 -5.92
CA GLU A 63 19.23 18.16 -6.99
C GLU A 63 19.16 17.44 -8.35
N LYS A 64 19.41 16.13 -8.35
CA LYS A 64 19.53 15.37 -9.59
C LYS A 64 18.26 14.67 -10.09
N ILE A 65 17.20 14.66 -9.30
CA ILE A 65 15.96 14.17 -9.83
C ILE A 65 15.40 15.19 -10.82
N LYS A 66 15.06 14.73 -12.04
CA LYS A 66 14.50 15.57 -13.10
C LYS A 66 13.01 15.37 -13.29
N CYS A 67 12.52 14.18 -12.99
CA CYS A 67 11.10 13.94 -13.15
C CYS A 67 10.60 13.28 -11.91
N PHE A 68 9.44 13.73 -11.46
CA PHE A 68 8.80 13.14 -10.34
C PHE A 68 7.65 12.43 -10.97
N GLY A 69 7.37 11.21 -10.56
CA GLY A 69 6.26 10.50 -11.16
C GLY A 69 5.39 9.90 -10.08
N PHE A 70 4.09 9.80 -10.33
CA PHE A 70 3.15 9.40 -9.28
C PHE A 70 2.26 8.22 -9.59
N ASP A 71 1.93 7.46 -8.55
CA ASP A 71 0.80 6.55 -8.58
C ASP A 71 -0.38 7.38 -8.08
N MET A 72 -1.61 6.86 -8.17
CA MET A 72 -2.77 7.62 -7.73
C MET A 72 -3.36 7.01 -6.49
N ASP A 73 -3.92 5.82 -6.63
CA ASP A 73 -4.62 5.20 -5.54
C ASP A 73 -3.71 4.89 -4.36
N TYR A 74 -4.14 5.29 -3.18
CA TYR A 74 -3.32 5.24 -1.98
C TYR A 74 -1.92 5.92 -2.12
N THR A 75 -1.75 6.77 -3.13
CA THR A 75 -0.59 7.66 -3.15
C THR A 75 -1.03 9.13 -3.10
N LEU A 76 -1.60 9.62 -4.21
CA LEU A 76 -2.11 10.98 -4.30
C LEU A 76 -3.50 11.01 -3.73
N ALA A 77 -4.18 9.88 -3.78
CA ALA A 77 -5.52 9.85 -3.32
C ALA A 77 -5.54 8.80 -2.25
N VAL A 78 -5.77 9.22 -1.03
CA VAL A 78 -5.61 8.31 0.09
C VAL A 78 -6.97 8.03 0.71
N TYR A 79 -7.37 6.77 0.67
CA TYR A 79 -8.70 6.41 1.03
C TYR A 79 -8.85 6.32 2.53
N LYS A 80 -9.68 7.19 3.09
CA LYS A 80 -10.02 7.27 4.53
C LYS A 80 -10.37 5.94 5.15
N SER A 81 -9.80 5.65 6.32
CA SER A 81 -9.98 4.35 6.98
C SER A 81 -10.62 4.46 8.36
N PRO A 82 -11.53 3.55 8.73
CA PRO A 82 -11.97 2.29 8.11
C PRO A 82 -13.08 2.43 7.08
N GLU A 83 -13.58 3.65 6.90
CA GLU A 83 -14.74 3.86 6.05
C GLU A 83 -14.58 3.14 4.71
N TYR A 84 -13.47 3.41 4.01
CA TYR A 84 -13.25 2.81 2.72
C TYR A 84 -13.14 1.30 2.84
N GLU A 85 -12.37 0.79 3.80
CA GLU A 85 -12.30 -0.65 3.92
C GLU A 85 -13.67 -1.29 4.22
N SER A 86 -14.51 -0.68 5.05
CA SER A 86 -15.83 -1.33 5.27
C SER A 86 -16.58 -1.45 3.94
N LEU A 87 -16.58 -0.34 3.21
CA LEU A 87 -17.24 -0.32 1.94
C LEU A 87 -16.80 -1.47 1.04
N GLY A 88 -15.49 -1.68 0.94
CA GLY A 88 -14.96 -2.78 0.12
C GLY A 88 -15.47 -4.11 0.62
N PHE A 89 -15.38 -4.27 1.93
CA PHE A 89 -15.73 -5.50 2.62
C PHE A 89 -17.21 -5.79 2.42
N GLU A 90 -18.06 -4.84 2.78
CA GLU A 90 -19.51 -4.97 2.58
C GLU A 90 -19.87 -5.36 1.16
N LEU A 91 -19.33 -4.63 0.19
CA LEU A 91 -19.53 -4.93 -1.20
C LEU A 91 -19.06 -6.34 -1.56
N THR A 92 -17.96 -6.80 -0.98
CA THR A 92 -17.50 -8.15 -1.29
C THR A 92 -18.33 -9.18 -0.58
N VAL A 93 -18.68 -8.90 0.65
CA VAL A 93 -19.52 -9.83 1.35
C VAL A 93 -20.78 -10.01 0.48
N GLU A 94 -21.37 -8.90 0.07
CA GLU A 94 -22.61 -8.95 -0.68
C GLU A 94 -22.46 -9.74 -1.94
N ARG A 95 -21.44 -9.45 -2.73
CA ARG A 95 -21.21 -10.19 -3.97
C ARG A 95 -21.26 -11.71 -3.77
N LEU A 96 -20.52 -12.15 -2.75
CA LEU A 96 -20.39 -13.55 -2.43
C LEU A 96 -21.72 -14.16 -2.01
N VAL A 97 -22.49 -13.45 -1.20
CA VAL A 97 -23.80 -13.98 -0.85
C VAL A 97 -24.62 -14.01 -2.13
N SER A 98 -24.37 -13.03 -2.97
CA SER A 98 -25.12 -12.95 -4.18
C SER A 98 -24.83 -14.14 -5.13
N ILE A 99 -23.65 -14.75 -5.06
CA ILE A 99 -23.38 -15.93 -5.89
C ILE A 99 -23.55 -17.27 -5.13
N GLY A 100 -24.17 -17.23 -3.94
CA GLY A 100 -24.57 -18.45 -3.24
C GLY A 100 -23.91 -18.80 -1.94
N TYR A 101 -22.95 -17.99 -1.51
CA TYR A 101 -22.43 -18.15 -0.16
C TYR A 101 -23.57 -17.87 0.84
N PRO A 102 -23.54 -18.53 2.02
CA PRO A 102 -24.64 -18.51 2.97
C PRO A 102 -24.96 -17.14 3.57
N GLN A 103 -26.25 -16.90 3.86
CA GLN A 103 -26.72 -15.59 4.33
C GLN A 103 -25.89 -15.02 5.49
N GLU A 104 -25.41 -15.89 6.38
CA GLU A 104 -24.71 -15.44 7.59
C GLU A 104 -23.56 -14.45 7.37
N LEU A 105 -22.92 -14.55 6.21
CA LEU A 105 -21.91 -13.58 5.85
C LEU A 105 -22.40 -12.13 6.01
N LEU A 106 -23.67 -11.87 5.71
CA LEU A 106 -24.22 -10.51 5.73
C LEU A 106 -24.15 -9.90 7.11
N SER A 107 -24.17 -10.74 8.12
CA SER A 107 -24.07 -10.24 9.45
C SER A 107 -22.62 -9.92 9.89
N PHE A 108 -21.62 -10.26 9.09
CA PHE A 108 -20.20 -9.89 9.36
C PHE A 108 -20.13 -8.35 9.44
N ALA A 109 -19.03 -7.80 9.97
CA ALA A 109 -18.81 -6.34 9.95
C ALA A 109 -17.34 -6.12 10.09
N TYR A 110 -16.79 -5.28 9.22
CA TYR A 110 -15.35 -5.02 9.16
C TYR A 110 -14.70 -4.54 10.47
N ASP A 111 -13.60 -5.18 10.84
CA ASP A 111 -12.91 -4.87 12.07
C ASP A 111 -11.52 -4.40 11.77
N SER A 112 -11.30 -3.11 11.86
CA SER A 112 -10.02 -2.54 11.48
C SER A 112 -8.91 -2.95 12.42
N THR A 113 -9.24 -3.46 13.62
CA THR A 113 -8.18 -3.88 14.53
C THR A 113 -7.63 -5.29 14.26
N PHE A 114 -8.14 -5.97 13.25
CA PHE A 114 -7.64 -7.30 13.00
C PHE A 114 -6.48 -7.29 12.02
N PRO A 115 -6.73 -6.94 10.74
CA PRO A 115 -5.73 -7.22 9.74
C PRO A 115 -4.53 -6.28 9.79
N THR A 116 -3.32 -6.81 9.69
CA THR A 116 -2.12 -5.99 9.39
C THR A 116 -1.78 -6.30 7.95
N ARG A 117 -1.26 -5.33 7.21
CA ARG A 117 -1.02 -5.53 5.79
C ARG A 117 0.19 -6.41 5.59
N GLY A 118 0.22 -7.14 4.48
CA GLY A 118 1.42 -7.88 4.13
C GLY A 118 1.43 -9.33 4.58
N LEU A 119 0.39 -9.75 5.27
CA LEU A 119 0.25 -11.15 5.59
C LEU A 119 0.14 -12.03 4.30
N VAL A 120 0.52 -13.28 4.45
CA VAL A 120 0.48 -14.28 3.37
C VAL A 120 -0.67 -15.19 3.73
N PHE A 121 -1.54 -15.52 2.76
CA PHE A 121 -2.61 -16.48 3.04
C PHE A 121 -2.22 -17.86 2.51
N ASP A 122 -2.18 -18.84 3.39
CA ASP A 122 -1.77 -20.17 2.96
C ASP A 122 -3.02 -20.92 2.47
N THR A 123 -3.16 -21.11 1.16
CA THR A 123 -4.41 -21.69 0.62
C THR A 123 -4.53 -23.21 0.82
N LEU A 124 -3.48 -23.84 1.32
CA LEU A 124 -3.59 -25.24 1.62
C LEU A 124 -4.36 -25.46 2.90
N TYR A 125 -4.04 -24.70 3.93
CA TYR A 125 -4.54 -24.98 5.27
C TYR A 125 -5.40 -23.86 5.82
N GLY A 126 -5.54 -22.80 5.03
CA GLY A 126 -6.42 -21.69 5.32
C GLY A 126 -5.99 -20.87 6.50
N ASN A 127 -4.69 -20.63 6.60
CA ASN A 127 -4.12 -19.84 7.68
C ASN A 127 -3.68 -18.52 7.14
N LEU A 128 -3.81 -17.47 7.94
CA LEU A 128 -3.10 -16.23 7.67
C LEU A 128 -1.74 -16.30 8.38
N LEU A 129 -0.69 -15.91 7.67
CA LEU A 129 0.64 -16.08 8.20
C LEU A 129 1.33 -14.74 8.06
N LYS A 130 2.02 -14.32 9.12
CA LYS A 130 2.84 -13.13 9.08
C LYS A 130 4.26 -13.66 9.18
N VAL A 131 5.05 -13.36 8.13
CA VAL A 131 6.40 -13.97 7.96
C VAL A 131 7.54 -12.99 7.79
N ASP A 132 8.76 -13.39 8.17
CA ASP A 132 9.95 -12.59 7.86
C ASP A 132 10.44 -12.77 6.42
N ALA A 133 11.57 -12.14 6.11
CA ALA A 133 12.07 -12.10 4.73
C ALA A 133 12.40 -13.50 4.21
N TYR A 134 12.74 -14.38 5.14
CA TYR A 134 13.07 -15.73 4.78
C TYR A 134 11.87 -16.66 4.88
N GLY A 135 10.68 -16.10 5.09
CA GLY A 135 9.46 -16.89 5.17
C GLY A 135 9.35 -17.67 6.46
N ASN A 136 10.09 -17.28 7.50
CA ASN A 136 9.88 -17.84 8.84
C ASN A 136 8.61 -17.36 9.47
N LEU A 137 7.89 -18.26 10.10
CA LEU A 137 6.62 -17.92 10.74
C LEU A 137 6.87 -16.98 11.90
N LEU A 138 6.09 -15.91 11.98
CA LEU A 138 6.14 -15.01 13.16
C LEU A 138 4.82 -15.02 13.92
N VAL A 139 3.72 -15.06 13.16
CA VAL A 139 2.38 -15.24 13.69
C VAL A 139 1.62 -16.08 12.70
N CYS A 140 0.83 -17.02 13.21
CA CYS A 140 -0.04 -17.84 12.38
C CYS A 140 -1.45 -17.84 12.96
N ALA A 141 -2.39 -17.31 12.19
CA ALA A 141 -3.79 -17.37 12.63
C ALA A 141 -4.67 -18.21 11.73
N HIS A 142 -5.49 -19.01 12.37
CA HIS A 142 -6.46 -19.81 11.65
C HIS A 142 -7.86 -19.37 12.06
N GLY A 143 -8.61 -18.87 11.12
CA GLY A 143 -9.81 -18.12 11.49
C GLY A 143 -9.35 -17.03 12.43
N PHE A 144 -9.87 -17.02 13.66
CA PHE A 144 -9.39 -16.08 14.66
C PHE A 144 -8.66 -16.78 15.77
N ASN A 145 -8.29 -18.02 15.58
CA ASN A 145 -7.56 -18.71 16.64
C ASN A 145 -6.10 -18.50 16.33
N PHE A 146 -5.36 -17.90 17.26
CA PHE A 146 -3.92 -17.61 17.04
C PHE A 146 -3.15 -18.79 17.46
N ILE A 147 -2.67 -19.55 16.48
CA ILE A 147 -1.99 -20.82 16.71
C ILE A 147 -0.65 -20.49 17.31
N ARG A 148 -0.38 -21.11 18.47
CA ARG A 148 0.83 -20.91 19.29
C ARG A 148 2.03 -21.76 18.74
N GLY A 149 3.24 -21.58 19.27
CA GLY A 149 4.47 -22.26 18.79
C GLY A 149 4.39 -23.74 18.42
N PRO A 150 4.34 -24.63 19.44
CA PRO A 150 4.36 -26.08 19.15
C PRO A 150 3.30 -26.55 18.15
N GLU A 151 2.07 -26.10 18.35
CA GLU A 151 0.94 -26.52 17.52
C GLU A 151 1.09 -26.17 16.00
N THR A 152 1.91 -25.17 15.68
CA THR A 152 2.17 -24.83 14.28
C THR A 152 3.10 -25.80 13.59
N ARG A 153 3.91 -26.52 14.37
CA ARG A 153 4.84 -27.52 13.82
C ARG A 153 4.18 -28.73 13.12
N GLU A 154 2.90 -28.98 13.39
CA GLU A 154 2.22 -30.09 12.75
C GLU A 154 2.07 -29.76 11.28
N GLN A 155 1.73 -28.51 10.97
CA GLN A 155 1.54 -28.11 9.59
C GLN A 155 2.74 -27.48 8.92
N TYR A 156 3.64 -26.88 9.70
CA TYR A 156 4.83 -26.24 9.17
C TYR A 156 5.92 -26.83 10.03
N PRO A 157 6.45 -27.98 9.63
CA PRO A 157 7.34 -28.65 10.57
C PRO A 157 8.68 -27.94 10.79
N ASN A 158 9.06 -27.01 9.92
CA ASN A 158 10.32 -26.27 10.09
C ASN A 158 10.04 -24.77 10.27
N LYS A 159 8.84 -24.50 10.77
CA LYS A 159 8.38 -23.15 11.02
C LYS A 159 8.69 -22.21 9.87
N PHE A 160 8.47 -22.65 8.64
CA PHE A 160 8.88 -21.88 7.47
C PHE A 160 7.94 -22.14 6.26
N ILE A 161 7.88 -21.22 5.30
CA ILE A 161 7.07 -21.44 4.11
C ILE A 161 7.93 -21.06 2.93
N GLN A 162 7.81 -21.79 1.82
CA GLN A 162 8.53 -21.42 0.59
C GLN A 162 7.85 -20.23 -0.05
N ARG A 163 8.39 -19.02 0.15
CA ARG A 163 7.78 -17.78 -0.37
C ARG A 163 7.55 -17.77 -1.88
N ASP A 164 8.41 -18.46 -2.61
CA ASP A 164 8.33 -18.50 -4.07
C ASP A 164 7.19 -19.40 -4.59
N ASP A 165 6.57 -20.19 -3.72
CA ASP A 165 5.52 -21.11 -4.14
C ASP A 165 4.21 -20.34 -4.23
N THR A 166 4.11 -19.53 -5.26
CA THR A 166 2.98 -18.62 -5.45
C THR A 166 1.69 -19.35 -5.85
N GLU A 167 1.78 -20.62 -6.20
CA GLU A 167 0.57 -21.36 -6.44
C GLU A 167 -0.19 -21.56 -5.12
N ARG A 168 0.55 -21.69 -4.02
CA ARG A 168 -0.02 -21.99 -2.70
C ARG A 168 -0.20 -20.76 -1.82
N PHE A 169 0.78 -19.87 -1.86
CA PHE A 169 0.79 -18.74 -0.95
C PHE A 169 0.39 -17.46 -1.66
N TYR A 170 -0.58 -16.75 -1.09
CA TYR A 170 -1.01 -15.52 -1.71
C TYR A 170 -0.42 -14.17 -1.25
N ILE A 171 -0.28 -13.80 0.00
CA ILE A 171 0.34 -12.44 0.23
C ILE A 171 -0.49 -11.21 -0.21
N LEU A 172 -1.05 -10.57 0.80
CA LEU A 172 -2.02 -9.51 0.67
C LEU A 172 -1.30 -8.21 1.04
N ASN A 173 -0.73 -7.60 0.00
CA ASN A 173 0.35 -6.60 0.03
C ASN A 173 -0.04 -5.13 0.21
N THR A 174 -1.28 -4.82 -0.19
CA THR A 174 -1.68 -3.44 -0.43
C THR A 174 -2.90 -3.14 0.39
N LEU A 175 -3.21 -1.86 0.54
CA LEU A 175 -4.31 -1.52 1.38
C LEU A 175 -5.64 -1.92 0.79
N PHE A 176 -5.65 -2.23 -0.49
CA PHE A 176 -6.87 -2.75 -1.04
C PHE A 176 -7.14 -4.14 -0.49
N ASN A 177 -6.09 -4.87 -0.14
CA ASN A 177 -6.18 -6.21 0.42
C ASN A 177 -6.65 -6.25 1.85
N LEU A 178 -6.81 -5.10 2.50
CA LEU A 178 -7.25 -5.13 3.90
C LEU A 178 -8.60 -5.82 4.06
N PRO A 179 -9.67 -5.34 3.37
CA PRO A 179 -10.95 -6.03 3.42
C PRO A 179 -10.80 -7.55 3.21
N GLU A 180 -10.09 -8.00 2.17
CA GLU A 180 -9.98 -9.45 1.99
C GLU A 180 -9.22 -10.14 3.13
N THR A 181 -8.17 -9.51 3.64
CA THR A 181 -7.48 -10.06 4.80
C THR A 181 -8.44 -10.36 5.93
N TYR A 182 -9.27 -9.38 6.32
CA TYR A 182 -10.27 -9.64 7.36
C TYR A 182 -11.28 -10.66 6.87
N LEU A 183 -11.68 -10.58 5.59
CA LEU A 183 -12.73 -11.43 5.13
C LEU A 183 -12.32 -12.92 5.21
N LEU A 184 -11.11 -13.21 4.77
CA LEU A 184 -10.62 -14.58 4.79
C LEU A 184 -10.66 -15.16 6.23
N ALA A 185 -10.22 -14.38 7.20
CA ALA A 185 -10.31 -14.81 8.58
C ALA A 185 -11.75 -15.01 9.02
N CYS A 186 -12.67 -14.20 8.51
CA CYS A 186 -14.08 -14.31 8.87
C CYS A 186 -14.67 -15.59 8.38
N LEU A 187 -14.37 -15.89 7.11
CA LEU A 187 -14.91 -17.06 6.46
C LEU A 187 -14.32 -18.30 7.13
N VAL A 188 -13.01 -18.38 7.29
CA VAL A 188 -12.47 -19.56 7.95
C VAL A 188 -13.09 -19.79 9.32
N ASP A 189 -13.24 -18.73 10.11
CA ASP A 189 -13.78 -18.91 11.46
C ASP A 189 -15.23 -19.33 11.36
N PHE A 190 -15.96 -18.70 10.44
CA PHE A 190 -17.37 -19.00 10.27
C PHE A 190 -17.66 -20.47 10.06
N PHE A 191 -17.01 -21.06 9.05
CA PHE A 191 -17.19 -22.46 8.68
C PHE A 191 -16.61 -23.39 9.73
N THR A 192 -15.50 -23.01 10.34
CA THR A 192 -14.96 -23.86 11.39
C THR A 192 -16.07 -24.16 12.38
N ASN A 193 -16.89 -23.14 12.64
CA ASN A 193 -17.88 -23.17 13.72
C ASN A 193 -19.33 -23.33 13.27
N CYS A 194 -19.57 -23.54 12.00
CA CYS A 194 -20.93 -23.82 11.57
C CYS A 194 -21.11 -25.33 11.55
N PRO A 195 -22.13 -25.81 12.28
CA PRO A 195 -22.23 -27.25 12.49
C PRO A 195 -22.72 -27.94 11.22
N ARG A 196 -23.25 -27.15 10.28
CA ARG A 196 -23.59 -27.63 8.92
C ARG A 196 -22.35 -28.17 8.14
N TYR A 197 -21.16 -27.66 8.45
CA TYR A 197 -19.91 -28.03 7.77
C TYR A 197 -19.00 -28.84 8.68
N THR A 198 -18.08 -29.59 8.10
CA THR A 198 -17.11 -30.38 8.85
C THR A 198 -15.70 -29.97 8.48
N SER A 199 -14.90 -29.63 9.48
CA SER A 199 -13.53 -29.20 9.21
C SER A 199 -12.73 -30.35 8.62
N CYS A 200 -11.80 -30.03 7.74
CA CYS A 200 -10.82 -30.97 7.27
C CYS A 200 -9.51 -30.23 7.22
N GLU A 201 -8.41 -30.96 7.03
CA GLU A 201 -7.08 -30.35 7.00
C GLU A 201 -7.04 -29.18 6.05
N THR A 202 -7.70 -29.36 4.89
CA THR A 202 -7.59 -28.46 3.71
C THR A 202 -8.90 -27.80 3.26
N GLY A 203 -9.95 -27.86 4.06
CA GLY A 203 -11.22 -27.25 3.70
C GLY A 203 -12.40 -27.82 4.48
N PHE A 204 -13.60 -27.66 3.94
CA PHE A 204 -14.82 -28.06 4.65
C PHE A 204 -15.76 -28.89 3.82
N LYS A 205 -16.30 -29.94 4.42
CA LYS A 205 -17.25 -30.87 3.78
C LYS A 205 -18.64 -30.44 4.17
N ASP A 206 -19.58 -30.50 3.23
CA ASP A 206 -20.99 -30.20 3.55
C ASP A 206 -21.93 -31.18 2.81
N GLY A 207 -22.01 -32.39 3.33
CA GLY A 207 -22.70 -33.43 2.59
C GLY A 207 -21.79 -33.86 1.47
N ASP A 208 -22.20 -33.56 0.25
CA ASP A 208 -21.50 -34.00 -0.95
C ASP A 208 -20.68 -32.89 -1.60
N LEU A 209 -20.70 -31.71 -1.02
CA LEU A 209 -19.89 -30.63 -1.53
C LEU A 209 -18.67 -30.40 -0.65
N PHE A 210 -17.49 -30.32 -1.25
CA PHE A 210 -16.27 -30.03 -0.52
C PHE A 210 -15.65 -28.76 -0.98
N MET A 211 -15.51 -27.79 -0.07
CA MET A 211 -14.95 -26.54 -0.47
C MET A 211 -13.60 -26.36 0.17
N SER A 212 -12.55 -26.45 -0.62
CA SER A 212 -11.22 -26.32 -0.08
C SER A 212 -10.97 -24.85 0.23
N TYR A 213 -10.03 -24.59 1.14
CA TYR A 213 -9.65 -23.22 1.42
C TYR A 213 -9.15 -22.56 0.15
N ARG A 214 -8.45 -23.32 -0.70
CA ARG A 214 -7.91 -22.73 -1.91
C ARG A 214 -9.02 -22.14 -2.77
N SER A 215 -10.00 -22.96 -3.13
CA SER A 215 -11.08 -22.51 -3.98
C SER A 215 -11.92 -21.48 -3.25
N MET A 216 -12.06 -21.63 -1.93
CA MET A 216 -12.65 -20.56 -1.15
C MET A 216 -11.91 -19.26 -1.38
N PHE A 217 -10.59 -19.32 -1.28
CA PHE A 217 -9.80 -18.11 -1.43
C PHE A 217 -9.96 -17.48 -2.81
N GLN A 218 -10.13 -18.32 -3.82
CA GLN A 218 -10.30 -17.88 -5.19
C GLN A 218 -11.57 -17.08 -5.30
N ASP A 219 -12.63 -17.68 -4.78
CA ASP A 219 -13.93 -17.01 -4.73
C ASP A 219 -13.84 -15.62 -4.12
N VAL A 220 -13.12 -15.48 -3.01
CA VAL A 220 -12.93 -14.16 -2.39
C VAL A 220 -12.21 -13.22 -3.34
N ARG A 221 -11.10 -13.68 -3.91
CA ARG A 221 -10.35 -12.87 -4.87
C ARG A 221 -11.24 -12.43 -6.04
N ASP A 222 -12.02 -13.36 -6.58
CA ASP A 222 -12.82 -13.07 -7.75
C ASP A 222 -13.76 -11.96 -7.34
N ALA A 223 -14.37 -12.13 -6.18
CA ALA A 223 -15.40 -11.21 -5.73
C ALA A 223 -14.86 -9.79 -5.47
N VAL A 224 -13.65 -9.69 -4.96
CA VAL A 224 -13.01 -8.38 -4.76
C VAL A 224 -12.72 -7.70 -6.11
N ASP A 225 -12.10 -8.41 -7.05
CA ASP A 225 -11.97 -7.90 -8.42
C ASP A 225 -13.30 -7.45 -8.97
N TRP A 226 -14.30 -8.31 -8.85
CA TRP A 226 -15.63 -7.99 -9.33
C TRP A 226 -16.12 -6.64 -8.82
N VAL A 227 -16.06 -6.38 -7.50
CA VAL A 227 -16.60 -5.09 -6.99
C VAL A 227 -15.76 -3.92 -7.47
N HIS A 228 -14.49 -4.18 -7.76
CA HIS A 228 -13.65 -3.14 -8.28
C HIS A 228 -13.99 -2.88 -9.77
N TYR A 229 -14.00 -3.92 -10.61
CA TYR A 229 -14.15 -3.66 -12.07
C TYR A 229 -15.59 -3.66 -12.60
N LYS A 230 -16.53 -4.28 -11.88
CA LYS A 230 -17.86 -4.34 -12.40
C LYS A 230 -18.91 -3.94 -11.39
N GLY A 231 -18.63 -4.06 -10.09
CA GLY A 231 -19.60 -3.69 -9.04
C GLY A 231 -19.61 -2.22 -8.68
N SER A 232 -20.13 -1.91 -7.50
CA SER A 232 -20.40 -0.52 -7.18
C SER A 232 -19.39 0.25 -6.32
N LEU A 233 -18.17 -0.25 -6.17
CA LEU A 233 -17.22 0.46 -5.34
C LEU A 233 -16.91 1.87 -5.85
N LYS A 234 -16.46 1.99 -7.10
CA LYS A 234 -16.14 3.31 -7.66
C LYS A 234 -17.36 4.21 -7.58
N GLU A 235 -18.49 3.70 -8.08
CA GLU A 235 -19.72 4.46 -8.16
C GLU A 235 -20.12 4.96 -6.78
N LYS A 236 -20.03 4.12 -5.75
CA LYS A 236 -20.39 4.58 -4.40
C LYS A 236 -19.32 5.52 -3.86
N THR A 237 -18.11 5.42 -4.39
CA THR A 237 -17.03 6.23 -3.87
C THR A 237 -17.15 7.65 -4.38
N VAL A 238 -17.33 7.80 -5.69
CA VAL A 238 -17.27 9.13 -6.27
C VAL A 238 -18.51 9.94 -5.93
N GLU A 239 -19.49 9.30 -5.31
CA GLU A 239 -20.64 10.11 -4.91
C GLU A 239 -20.62 10.50 -3.43
N ASN A 240 -19.43 10.51 -2.84
CA ASN A 240 -19.27 10.88 -1.44
C ASN A 240 -17.79 10.98 -1.16
N LEU A 241 -17.10 11.71 -2.02
CA LEU A 241 -15.67 11.83 -1.96
C LEU A 241 -15.15 12.27 -0.62
N GLU A 242 -15.82 13.23 0.02
CA GLU A 242 -15.39 13.65 1.37
C GLU A 242 -15.45 12.49 2.37
N LYS A 243 -16.42 11.59 2.20
CA LYS A 243 -16.48 10.44 3.09
C LYS A 243 -15.27 9.54 3.02
N TYR A 244 -14.78 9.36 1.79
CA TYR A 244 -13.86 8.31 1.46
C TYR A 244 -12.45 8.74 1.07
N VAL A 245 -12.23 10.03 0.84
CA VAL A 245 -10.94 10.43 0.23
C VAL A 245 -10.35 11.67 0.84
N VAL A 246 -9.14 11.51 1.36
CA VAL A 246 -8.38 12.58 2.00
C VAL A 246 -8.05 13.70 0.99
N LYS A 247 -8.40 14.93 1.34
CA LYS A 247 -8.08 16.07 0.49
C LYS A 247 -7.12 17.04 1.21
N ASP A 248 -6.09 17.52 0.53
CA ASP A 248 -5.07 18.30 1.22
C ASP A 248 -4.64 19.46 0.34
N GLY A 249 -4.93 20.67 0.79
CA GLY A 249 -4.44 21.85 0.11
C GLY A 249 -3.00 21.79 -0.35
N LYS A 250 -2.12 21.24 0.46
CA LYS A 250 -0.70 21.21 0.13
C LYS A 250 -0.35 20.41 -1.13
N LEU A 251 -1.18 19.45 -1.52
CA LEU A 251 -0.92 18.66 -2.75
C LEU A 251 -0.68 19.51 -4.03
N PRO A 252 -1.59 20.42 -4.40
CA PRO A 252 -1.34 21.21 -5.58
C PRO A 252 -0.06 22.02 -5.45
N LEU A 253 0.26 22.38 -4.21
CA LEU A 253 1.42 23.24 -3.93
C LEU A 253 2.71 22.50 -4.24
N LEU A 254 2.77 21.25 -3.83
CA LEU A 254 3.99 20.47 -3.99
C LEU A 254 4.23 20.11 -5.45
N LEU A 255 3.16 19.73 -6.14
CA LEU A 255 3.25 19.34 -7.54
C LEU A 255 3.71 20.54 -8.34
N SER A 256 3.27 21.72 -7.91
CA SER A 256 3.53 22.93 -8.64
C SER A 256 4.96 23.25 -8.41
N ARG A 257 5.44 22.89 -7.22
CA ARG A 257 6.81 23.18 -6.85
C ARG A 257 7.75 22.20 -7.55
N MET A 258 7.22 20.99 -7.79
CA MET A 258 7.97 19.98 -8.50
C MET A 258 8.12 20.37 -9.95
N LYS A 259 7.03 20.84 -10.54
CA LYS A 259 7.06 21.25 -11.93
C LYS A 259 7.96 22.45 -12.16
N GLU A 260 8.23 23.24 -11.13
CA GLU A 260 9.15 24.38 -11.29
C GLU A 260 10.59 23.94 -11.48
N VAL A 261 10.97 22.79 -10.94
CA VAL A 261 12.35 22.36 -11.10
C VAL A 261 12.53 21.16 -11.98
N GLY A 262 11.45 20.53 -12.41
CA GLY A 262 11.59 19.42 -13.32
C GLY A 262 10.28 19.06 -13.97
N LYS A 263 10.19 17.79 -14.31
CA LYS A 263 9.07 17.27 -15.03
C LYS A 263 8.25 16.46 -14.07
N VAL A 264 6.92 16.49 -14.25
CA VAL A 264 6.00 15.77 -13.35
C VAL A 264 5.07 14.86 -14.15
N PHE A 265 4.97 13.59 -13.74
CA PHE A 265 4.15 12.63 -14.48
C PHE A 265 3.31 11.67 -13.65
N LEU A 266 2.19 11.27 -14.23
CA LEU A 266 1.24 10.38 -13.60
C LEU A 266 1.26 9.10 -14.39
N ALA A 267 1.51 7.98 -13.72
CA ALA A 267 1.31 6.74 -14.42
C ALA A 267 0.60 5.80 -13.47
N THR A 268 -0.65 5.52 -13.78
CA THR A 268 -1.55 4.87 -12.87
C THR A 268 -2.29 3.72 -13.53
N ASN A 269 -2.56 2.69 -12.75
CA ASN A 269 -3.27 1.53 -13.24
C ASN A 269 -4.76 1.82 -13.54
N SER A 270 -5.31 2.78 -12.81
CA SER A 270 -6.69 3.23 -12.94
C SER A 270 -6.96 3.74 -14.36
N ASP A 271 -8.22 3.65 -14.79
CA ASP A 271 -8.61 4.08 -16.13
C ASP A 271 -8.83 5.59 -16.11
N TYR A 272 -9.15 6.17 -17.26
CA TYR A 272 -9.17 7.62 -17.30
C TYR A 272 -10.33 8.23 -16.55
N LYS A 273 -11.56 7.89 -16.97
CA LYS A 273 -12.78 8.28 -16.25
C LYS A 273 -12.64 8.29 -14.73
N TYR A 274 -12.25 7.18 -14.11
CA TYR A 274 -12.11 7.17 -12.67
C TYR A 274 -10.98 8.11 -12.25
N THR A 275 -9.85 8.07 -12.98
CA THR A 275 -8.73 8.93 -12.66
C THR A 275 -9.25 10.36 -12.68
N ASP A 276 -10.13 10.68 -13.62
CA ASP A 276 -10.60 12.06 -13.70
C ASP A 276 -11.47 12.49 -12.50
N LYS A 277 -12.41 11.65 -12.11
CA LYS A 277 -13.23 11.97 -10.99
C LYS A 277 -12.36 12.20 -9.73
N ILE A 278 -11.46 11.28 -9.43
CA ILE A 278 -10.62 11.38 -8.24
C ILE A 278 -9.67 12.57 -8.23
N MET A 279 -8.93 12.76 -9.32
CA MET A 279 -7.97 13.86 -9.40
C MET A 279 -8.73 15.21 -9.36
N THR A 280 -9.82 15.34 -10.12
CA THR A 280 -10.57 16.59 -10.02
C THR A 280 -10.84 16.98 -8.57
N TYR A 281 -11.16 15.99 -7.79
CA TYR A 281 -11.57 16.21 -6.42
C TYR A 281 -10.38 16.64 -5.61
N LEU A 282 -9.27 15.88 -5.74
CA LEU A 282 -8.02 16.22 -5.08
C LEU A 282 -7.59 17.67 -5.37
N PHE A 283 -7.87 18.17 -6.56
CA PHE A 283 -7.61 19.59 -6.87
C PHE A 283 -8.80 20.52 -6.63
N ASP A 284 -9.95 19.99 -6.23
CA ASP A 284 -11.07 20.87 -6.00
C ASP A 284 -10.88 21.76 -4.77
N PHE A 285 -10.28 22.94 -4.98
CA PHE A 285 -10.17 24.00 -3.96
C PHE A 285 -10.50 25.32 -4.59
N PRO A 286 -10.95 26.29 -3.80
CA PRO A 286 -11.28 27.53 -4.50
C PRO A 286 -10.06 28.36 -4.88
N HIS A 287 -8.94 27.73 -5.25
CA HIS A 287 -7.70 28.45 -5.59
C HIS A 287 -6.73 27.49 -6.23
N GLY A 288 -5.59 28.01 -6.68
CA GLY A 288 -4.54 27.19 -7.26
C GLY A 288 -3.61 26.55 -6.24
N PRO A 289 -2.30 26.49 -6.55
CA PRO A 289 -1.31 25.86 -5.65
C PRO A 289 -1.25 26.51 -4.28
N LYS A 290 -1.66 27.76 -4.17
CA LYS A 290 -1.51 28.51 -2.93
C LYS A 290 -2.69 29.44 -2.79
N PRO A 291 -3.21 29.60 -1.57
CA PRO A 291 -4.33 30.50 -1.41
C PRO A 291 -4.17 31.86 -2.13
N GLY A 292 -5.22 32.24 -2.86
CA GLY A 292 -5.27 33.48 -3.63
C GLY A 292 -4.99 33.40 -5.14
N SER A 293 -4.54 32.25 -5.60
CA SER A 293 -4.22 32.10 -7.02
C SER A 293 -5.34 31.42 -7.80
N SER A 294 -5.39 31.68 -9.10
CA SER A 294 -6.38 31.04 -9.95
C SER A 294 -6.32 29.51 -9.82
N HIS A 295 -7.47 28.87 -9.68
CA HIS A 295 -7.52 27.40 -9.72
C HIS A 295 -7.21 26.96 -11.14
N ARG A 296 -6.27 26.04 -11.29
CA ARG A 296 -6.02 25.44 -12.60
C ARG A 296 -6.40 23.98 -12.50
N PRO A 297 -6.85 23.38 -13.61
CA PRO A 297 -7.29 21.99 -13.66
C PRO A 297 -6.17 21.01 -13.35
N TRP A 298 -6.52 19.83 -12.85
CA TRP A 298 -5.50 18.88 -12.45
C TRP A 298 -4.49 18.52 -13.53
N GLN A 299 -4.94 18.45 -14.80
CA GLN A 299 -4.05 18.01 -15.86
C GLN A 299 -2.90 18.98 -16.03
N SER A 300 -3.13 20.25 -15.73
CA SER A 300 -2.08 21.25 -15.98
C SER A 300 -0.89 21.00 -15.08
N TYR A 301 -1.07 20.16 -14.08
CA TYR A 301 0.01 19.88 -13.15
C TYR A 301 1.02 18.83 -13.61
N PHE A 302 0.79 18.26 -14.80
CA PHE A 302 1.57 17.11 -15.32
C PHE A 302 2.10 17.33 -16.73
N ASP A 303 3.35 16.93 -16.95
CA ASP A 303 3.95 17.04 -18.25
C ASP A 303 3.64 15.83 -19.07
N LEU A 304 3.26 14.73 -18.41
CA LEU A 304 2.88 13.48 -19.05
C LEU A 304 1.83 12.76 -18.17
N ILE A 305 0.69 12.41 -18.74
CA ILE A 305 -0.36 11.70 -18.00
C ILE A 305 -0.56 10.35 -18.65
N LEU A 306 -0.42 9.26 -17.88
CA LEU A 306 -0.56 7.94 -18.45
C LEU A 306 -1.45 7.08 -17.58
N VAL A 307 -2.45 6.48 -18.19
CA VAL A 307 -3.42 5.67 -17.44
C VAL A 307 -3.43 4.27 -18.04
N ASP A 308 -4.21 3.38 -17.43
CA ASP A 308 -4.24 1.96 -17.80
C ASP A 308 -2.81 1.43 -17.84
N ALA A 309 -2.02 1.79 -16.82
CA ALA A 309 -0.59 1.52 -16.87
C ALA A 309 -0.24 0.02 -16.88
N ARG A 310 -1.04 -0.77 -16.17
CA ARG A 310 -0.78 -2.21 -16.00
C ARG A 310 0.60 -2.46 -15.38
N LYS A 311 0.88 -1.78 -14.28
CA LYS A 311 2.05 -2.08 -13.50
C LYS A 311 1.76 -3.44 -12.84
N PRO A 312 2.78 -4.31 -12.67
CA PRO A 312 4.20 -4.18 -12.97
C PRO A 312 4.59 -4.47 -14.41
N LEU A 313 3.71 -5.09 -15.21
CA LEU A 313 4.03 -5.34 -16.65
C LEU A 313 4.52 -4.07 -17.34
N PHE A 314 4.05 -2.95 -16.82
CA PHE A 314 4.42 -1.64 -17.29
C PHE A 314 5.89 -1.52 -17.23
N PHE A 315 6.51 -2.07 -16.20
CA PHE A 315 7.97 -1.99 -16.09
C PHE A 315 8.77 -3.02 -16.91
N GLY A 316 8.06 -3.82 -17.72
CA GLY A 316 8.68 -4.72 -18.70
C GLY A 316 8.29 -4.41 -20.13
N GLU A 317 7.66 -5.36 -20.81
CA GLU A 317 7.26 -5.19 -22.20
C GLU A 317 6.14 -4.15 -22.37
N GLY A 318 5.45 -3.83 -21.26
CA GLY A 318 4.34 -2.87 -21.28
C GLY A 318 3.16 -3.42 -22.04
N THR A 319 2.35 -2.53 -22.60
CA THR A 319 1.30 -2.89 -23.55
C THR A 319 1.34 -1.91 -24.69
N VAL A 320 0.52 -2.12 -25.69
CA VAL A 320 0.53 -1.24 -26.83
C VAL A 320 0.18 0.18 -26.36
N LEU A 321 0.95 1.17 -26.77
CA LEU A 321 0.65 2.56 -26.43
C LEU A 321 -0.64 3.18 -27.08
N ARG A 322 -1.61 3.59 -26.27
CA ARG A 322 -2.81 4.23 -26.83
C ARG A 322 -2.98 5.69 -26.39
N GLN A 323 -3.82 6.41 -27.13
CA GLN A 323 -4.21 7.77 -26.80
C GLN A 323 -5.63 7.80 -26.23
N VAL A 324 -5.85 8.56 -25.15
CA VAL A 324 -7.20 8.72 -24.61
C VAL A 324 -7.89 9.90 -25.30
N ASP A 325 -9.10 9.68 -25.81
CA ASP A 325 -9.98 10.76 -26.26
C ASP A 325 -10.58 11.30 -24.98
N THR A 326 -10.09 12.46 -24.55
CA THR A 326 -10.52 13.05 -23.27
C THR A 326 -11.97 13.55 -23.18
N LYS A 327 -12.60 13.93 -24.28
CA LYS A 327 -14.06 14.18 -24.24
C LYS A 327 -14.80 12.91 -23.75
N THR A 328 -14.77 11.84 -24.56
CA THR A 328 -15.55 10.61 -24.28
C THR A 328 -15.00 9.82 -23.11
N GLY A 329 -13.68 9.81 -22.99
CA GLY A 329 -13.06 8.98 -21.98
C GLY A 329 -12.83 7.57 -22.52
N LYS A 330 -13.31 7.33 -23.73
CA LYS A 330 -13.00 6.16 -24.51
C LYS A 330 -11.62 6.31 -25.13
N LEU A 331 -10.95 5.18 -25.39
CA LEU A 331 -9.68 5.14 -26.14
C LEU A 331 -9.85 5.41 -27.63
N LYS A 332 -8.95 6.16 -28.23
CA LYS A 332 -8.98 6.30 -29.69
C LYS A 332 -8.66 4.95 -30.30
N ILE A 333 -8.93 4.78 -31.58
CA ILE A 333 -8.76 3.48 -32.20
C ILE A 333 -7.33 3.33 -32.74
N GLY A 334 -6.64 2.27 -32.31
CA GLY A 334 -5.27 1.99 -32.79
C GLY A 334 -4.10 2.40 -31.89
N THR A 335 -2.90 2.42 -32.45
CA THR A 335 -1.71 2.60 -31.64
C THR A 335 -1.20 4.00 -31.84
N TYR A 336 -0.99 4.73 -30.74
CA TYR A 336 -0.52 6.11 -30.86
C TYR A 336 0.96 6.13 -31.24
N THR A 337 1.32 6.76 -32.35
CA THR A 337 2.73 6.82 -32.81
C THR A 337 3.32 8.23 -32.80
N GLY A 338 2.49 9.21 -32.46
CA GLY A 338 2.93 10.60 -32.44
C GLY A 338 3.77 11.01 -31.24
N PRO A 339 4.00 12.30 -31.09
CA PRO A 339 4.94 12.75 -30.07
C PRO A 339 4.22 13.23 -28.82
N LEU A 340 4.95 13.64 -27.80
CA LEU A 340 4.30 14.24 -26.65
C LEU A 340 3.81 15.62 -27.03
N GLN A 341 2.48 15.79 -27.05
CA GLN A 341 1.81 17.06 -27.40
C GLN A 341 1.11 17.60 -26.18
N HIS A 342 1.08 18.92 -26.06
CA HIS A 342 0.34 19.55 -24.98
C HIS A 342 -1.11 19.01 -24.99
N GLY A 343 -1.62 18.50 -23.86
CA GLY A 343 -3.03 18.04 -23.81
C GLY A 343 -3.33 16.55 -23.97
N ILE A 344 -2.38 15.81 -24.53
CA ILE A 344 -2.50 14.39 -24.83
C ILE A 344 -2.56 13.53 -23.56
N VAL A 345 -3.30 12.43 -23.59
CA VAL A 345 -3.27 11.52 -22.45
C VAL A 345 -3.01 10.09 -22.92
N TYR A 346 -2.10 9.42 -22.27
CA TYR A 346 -1.78 8.11 -22.73
C TYR A 346 -2.48 7.02 -21.92
N SER A 347 -2.58 5.85 -22.56
CA SER A 347 -3.12 4.64 -21.97
C SER A 347 -2.14 3.55 -22.34
N GLY A 348 -1.74 2.79 -21.32
CA GLY A 348 -0.91 1.58 -21.48
C GLY A 348 0.53 1.97 -21.68
N GLY A 349 1.10 1.57 -22.82
CA GLY A 349 2.51 1.81 -23.13
C GLY A 349 3.42 1.12 -22.11
N SER A 350 4.56 1.74 -21.82
CA SER A 350 5.51 1.18 -20.88
C SER A 350 6.31 2.28 -20.23
N SER A 351 7.15 1.87 -19.30
CA SER A 351 8.06 2.77 -18.64
C SER A 351 9.11 3.32 -19.59
N ASP A 352 9.36 2.68 -20.72
CA ASP A 352 10.27 3.30 -21.67
C ASP A 352 9.57 4.47 -22.36
N THR A 353 8.25 4.40 -22.45
CA THR A 353 7.50 5.46 -23.10
C THR A 353 7.81 6.71 -22.35
N ILE A 354 7.72 6.62 -21.02
CA ILE A 354 7.94 7.76 -20.15
C ILE A 354 9.39 8.25 -20.21
N CYS A 355 10.33 7.32 -20.09
CA CYS A 355 11.71 7.66 -20.36
C CYS A 355 11.98 8.34 -21.68
N ASP A 356 11.57 7.77 -22.82
CA ASP A 356 11.90 8.39 -24.14
C ASP A 356 11.34 9.78 -24.14
N LEU A 357 10.03 9.85 -23.92
CA LEU A 357 9.24 11.08 -24.01
C LEU A 357 9.66 12.17 -23.06
N LEU A 358 10.06 11.83 -21.83
CA LEU A 358 10.53 12.86 -20.95
C LEU A 358 12.04 13.06 -21.07
N GLY A 359 12.63 12.41 -22.05
CA GLY A 359 14.08 12.47 -22.22
C GLY A 359 14.83 12.19 -20.93
N ALA A 360 14.38 11.16 -20.21
CA ALA A 360 14.98 10.75 -18.95
C ALA A 360 15.58 9.32 -19.02
N LYS A 361 16.73 9.11 -18.39
CA LYS A 361 17.18 7.76 -18.04
C LYS A 361 16.78 7.61 -16.60
N GLY A 362 16.77 6.37 -16.11
CA GLY A 362 16.13 6.06 -14.82
C GLY A 362 16.50 6.78 -13.52
N LYS A 363 17.79 6.90 -13.23
CA LYS A 363 18.19 7.47 -11.95
C LYS A 363 17.83 8.97 -11.83
N ASP A 364 17.43 9.52 -12.97
CA ASP A 364 16.87 10.82 -13.12
C ASP A 364 15.53 10.94 -12.46
N ILE A 365 14.78 9.84 -12.39
CA ILE A 365 13.36 9.84 -11.98
C ILE A 365 13.14 9.47 -10.52
N LEU A 366 12.16 10.08 -9.87
CA LEU A 366 11.73 9.55 -8.58
C LEU A 366 10.32 9.08 -8.69
N TYR A 367 10.09 7.77 -8.58
CA TYR A 367 8.72 7.30 -8.64
C TYR A 367 8.11 7.03 -7.27
N ILE A 368 6.95 7.63 -7.05
CA ILE A 368 6.31 7.76 -5.74
C ILE A 368 5.05 6.95 -5.78
N GLY A 369 4.95 5.92 -4.95
CA GLY A 369 3.77 5.04 -4.97
C GLY A 369 3.71 4.21 -3.70
N ASP A 370 2.64 3.43 -3.56
CA ASP A 370 2.38 2.70 -2.32
C ASP A 370 2.48 1.17 -2.49
N HIS A 371 2.59 0.71 -3.72
CA HIS A 371 2.64 -0.71 -3.94
C HIS A 371 4.09 -1.22 -3.85
N ILE A 372 4.37 -1.98 -2.80
CA ILE A 372 5.70 -2.43 -2.53
C ILE A 372 6.32 -3.28 -3.66
N PHE A 373 5.46 -4.00 -4.38
CA PHE A 373 5.91 -4.82 -5.48
C PHE A 373 5.88 -4.04 -6.81
N GLY A 374 4.68 -3.66 -7.25
CA GLY A 374 4.50 -3.15 -8.61
C GLY A 374 4.96 -1.74 -8.81
N ASP A 375 5.05 -0.98 -7.74
CA ASP A 375 5.44 0.41 -7.89
C ASP A 375 6.90 0.45 -7.54
N ILE A 376 7.28 -0.21 -6.47
CA ILE A 376 8.62 -0.02 -5.97
C ILE A 376 9.63 -1.12 -6.41
N LEU A 377 9.45 -2.34 -5.93
CA LEU A 377 10.36 -3.41 -6.30
C LEU A 377 10.62 -3.52 -7.81
N LYS A 378 9.57 -3.48 -8.62
CA LYS A 378 9.78 -3.67 -10.05
C LYS A 378 10.40 -2.50 -10.75
N SER A 379 10.10 -1.26 -10.39
CA SER A 379 10.76 -0.13 -11.08
C SER A 379 12.25 -0.05 -10.74
N LYS A 380 12.60 -0.34 -9.49
CA LYS A 380 13.99 -0.38 -9.09
C LYS A 380 14.67 -1.54 -9.79
N LYS A 381 14.16 -2.76 -9.62
CA LYS A 381 14.83 -3.92 -10.21
C LYS A 381 14.89 -3.86 -11.72
N ARG A 382 13.78 -3.59 -12.36
CA ARG A 382 13.78 -3.66 -13.79
C ARG A 382 14.34 -2.44 -14.48
N GLN A 383 14.25 -1.25 -13.88
CA GLN A 383 14.59 -0.04 -14.64
C GLN A 383 15.67 0.88 -14.10
N GLY A 384 16.06 0.66 -12.85
CA GLY A 384 16.99 1.54 -12.17
C GLY A 384 16.38 2.90 -11.82
N TRP A 385 15.08 2.91 -11.53
CA TRP A 385 14.37 4.15 -11.20
C TRP A 385 14.59 4.46 -9.74
N ARG A 386 14.60 5.75 -9.34
CA ARG A 386 14.68 6.02 -7.91
C ARG A 386 13.30 5.80 -7.31
N THR A 387 13.24 5.48 -6.02
CA THR A 387 11.95 5.14 -5.46
C THR A 387 11.62 5.84 -4.17
N PHE A 388 10.35 6.26 -4.08
CA PHE A 388 9.75 6.79 -2.86
C PHE A 388 8.49 5.98 -2.56
N LEU A 389 8.52 5.28 -1.42
CA LEU A 389 7.39 4.48 -1.02
C LEU A 389 6.58 5.20 -0.02
N VAL A 390 5.30 5.35 -0.35
CA VAL A 390 4.34 5.90 0.58
C VAL A 390 3.76 4.79 1.44
N ILE A 391 3.77 4.97 2.76
CA ILE A 391 3.17 4.00 3.68
C ILE A 391 2.17 4.63 4.68
N PRO A 392 0.85 4.61 4.36
CA PRO A 392 -0.09 5.34 5.19
C PRO A 392 0.01 4.96 6.65
N GLU A 393 -0.01 3.67 6.92
CA GLU A 393 -0.09 3.22 8.29
C GLU A 393 1.06 3.80 9.08
N LEU A 394 2.10 4.25 8.39
CA LEU A 394 3.28 4.70 9.10
C LEU A 394 2.92 5.82 10.06
N ALA A 395 1.84 6.53 9.79
CA ALA A 395 1.37 7.57 10.69
C ALA A 395 1.03 6.96 12.06
N GLN A 396 0.08 6.02 12.09
CA GLN A 396 -0.34 5.45 13.36
C GLN A 396 0.80 4.67 13.99
N GLU A 397 1.46 3.85 13.17
CA GLU A 397 2.55 3.00 13.65
C GLU A 397 3.62 3.83 14.35
N LEU A 398 3.75 5.11 13.97
CA LEU A 398 4.71 5.97 14.62
C LEU A 398 4.21 6.53 15.94
N HIS A 399 2.90 6.73 16.09
CA HIS A 399 2.42 7.07 17.42
C HIS A 399 2.72 5.90 18.36
N VAL A 400 2.34 4.70 17.95
CA VAL A 400 2.52 3.53 18.77
C VAL A 400 3.99 3.27 19.11
N TRP A 401 4.90 3.47 18.16
CA TRP A 401 6.33 3.19 18.36
C TRP A 401 6.98 4.02 19.49
N THR A 402 6.48 5.22 19.69
CA THR A 402 7.06 6.11 20.69
C THR A 402 6.22 6.15 21.97
N ASP A 403 4.91 5.95 21.85
CA ASP A 403 3.98 5.80 22.99
C ASP A 403 4.43 4.63 23.88
N LYS A 404 4.98 3.62 23.20
CA LYS A 404 5.31 2.32 23.77
C LYS A 404 6.81 2.01 23.66
N SER A 405 7.61 3.05 23.40
CA SER A 405 9.07 2.94 23.17
C SER A 405 9.82 2.13 24.22
N SER A 406 9.55 2.35 25.51
CA SER A 406 10.32 1.65 26.53
C SER A 406 9.80 0.24 26.80
N LEU A 407 8.68 -0.12 26.19
CA LEU A 407 8.34 -1.53 26.13
C LEU A 407 9.33 -2.24 25.18
N PHE A 408 9.52 -1.70 23.97
CA PHE A 408 10.48 -2.26 23.00
C PHE A 408 11.91 -2.31 23.55
N GLU A 409 12.32 -1.21 24.20
CA GLU A 409 13.67 -1.06 24.74
C GLU A 409 13.87 -2.11 25.81
N GLU A 410 12.76 -2.55 26.41
CA GLU A 410 12.77 -3.62 27.39
C GLU A 410 12.99 -4.97 26.72
N LEU A 411 12.44 -5.11 25.51
CA LEU A 411 12.61 -6.32 24.71
C LEU A 411 14.05 -6.46 24.25
N GLN A 412 14.60 -5.35 23.76
CA GLN A 412 16.03 -5.27 23.45
C GLN A 412 16.90 -5.67 24.63
N SER A 413 16.46 -5.37 25.84
CA SER A 413 17.22 -5.69 27.04
C SER A 413 17.20 -7.18 27.35
N LEU A 414 16.05 -7.82 27.15
CA LEU A 414 15.90 -9.21 27.55
C LEU A 414 16.64 -10.15 26.61
N ASP A 415 16.73 -9.75 25.34
CA ASP A 415 17.54 -10.47 24.34
C ASP A 415 19.02 -10.41 24.70
N ILE A 416 19.45 -9.24 25.16
CA ILE A 416 20.85 -8.98 25.49
C ILE A 416 21.30 -9.69 26.78
N PHE A 417 20.38 -9.77 27.76
CA PHE A 417 20.61 -10.51 28.99
C PHE A 417 20.79 -12.03 28.73
N LEU A 418 20.29 -12.53 27.59
CA LEU A 418 20.58 -13.92 27.20
C LEU A 418 22.03 -14.10 26.73
N ALA A 419 22.92 -14.28 27.71
CA ALA A 419 24.34 -14.50 27.55
C ALA A 419 24.86 -15.20 28.81
N ILE A 438 12.24 -17.44 31.79
CA ILE A 438 13.04 -16.35 31.20
C ILE A 438 12.85 -16.18 29.66
N GLN A 439 12.85 -17.29 28.92
CA GLN A 439 12.41 -17.29 27.53
C GLN A 439 10.94 -16.87 27.43
N ARG A 440 10.13 -17.27 28.43
CA ARG A 440 8.68 -16.99 28.46
C ARG A 440 8.40 -15.48 28.48
N ARG A 441 9.15 -14.77 29.32
CA ARG A 441 9.08 -13.31 29.44
C ARG A 441 9.38 -12.59 28.12
N ILE A 442 10.30 -13.14 27.30
CA ILE A 442 10.46 -12.67 25.92
C ILE A 442 9.14 -12.76 25.16
N LYS A 443 8.62 -13.98 25.02
CA LYS A 443 7.42 -14.23 24.22
C LYS A 443 6.20 -13.44 24.74
N LYS A 444 6.21 -13.17 26.05
CA LYS A 444 5.17 -12.40 26.73
C LYS A 444 5.22 -10.90 26.40
N VAL A 445 6.33 -10.25 26.72
CA VAL A 445 6.60 -8.87 26.31
C VAL A 445 6.36 -8.62 24.81
N THR A 446 6.80 -9.54 23.98
CA THR A 446 6.60 -9.45 22.54
C THR A 446 5.12 -9.29 22.26
N HIS A 447 4.33 -10.07 23.00
CA HIS A 447 2.92 -10.15 22.74
C HIS A 447 2.28 -8.84 23.08
N ASP A 448 2.56 -8.35 24.29
CA ASP A 448 1.99 -7.09 24.79
C ASP A 448 2.34 -5.96 23.86
N MET A 449 3.51 -6.04 23.22
CA MET A 449 3.99 -5.04 22.25
C MET A 449 3.17 -5.07 20.98
N ASP A 450 3.15 -6.23 20.32
CA ASP A 450 2.41 -6.40 19.09
C ASP A 450 0.93 -6.05 19.23
N MET A 451 0.41 -6.25 20.43
CA MET A 451 -1.00 -6.06 20.66
C MET A 451 -1.44 -4.62 20.48
N CYS A 452 -0.56 -3.69 20.91
CA CYS A 452 -0.76 -2.26 20.74
C CYS A 452 -0.99 -1.90 19.30
N TYR A 453 -0.59 -2.78 18.37
CA TYR A 453 -0.64 -2.43 16.96
C TYR A 453 -1.92 -2.90 16.32
N GLY A 454 -2.43 -4.02 16.81
CA GLY A 454 -3.56 -4.71 16.23
C GLY A 454 -3.43 -6.17 16.59
N MET A 455 -4.35 -6.99 16.10
CA MET A 455 -4.29 -8.41 16.42
C MET A 455 -3.15 -9.09 15.67
N MET A 456 -2.83 -8.56 14.49
CA MET A 456 -1.74 -9.02 13.66
C MET A 456 -0.49 -8.13 13.70
N GLY A 457 -0.40 -7.31 14.73
CA GLY A 457 0.85 -6.63 15.02
C GLY A 457 1.32 -5.55 14.06
N SER A 458 2.51 -5.03 14.32
CA SER A 458 3.05 -3.97 13.49
C SER A 458 3.21 -4.43 12.06
N LEU A 459 3.24 -3.47 11.17
CA LEU A 459 3.45 -3.77 9.79
C LEU A 459 4.87 -4.28 9.56
N PHE A 460 5.81 -3.76 10.36
CA PHE A 460 7.25 -3.86 10.11
C PHE A 460 7.97 -4.78 11.04
N ARG A 461 7.24 -5.42 11.93
CA ARG A 461 7.87 -6.36 12.81
C ARG A 461 6.88 -7.05 13.73
N SER A 462 7.37 -8.14 14.30
CA SER A 462 6.72 -8.92 15.31
C SER A 462 7.75 -9.07 16.40
N GLY A 463 7.55 -8.35 17.50
CA GLY A 463 8.58 -8.29 18.51
C GLY A 463 9.93 -7.92 17.94
N SER A 464 10.98 -8.64 18.31
CA SER A 464 12.30 -8.21 17.90
C SER A 464 12.58 -8.44 16.42
N ARG A 465 11.73 -9.25 15.76
CA ARG A 465 12.00 -9.77 14.37
C ARG A 465 11.24 -9.05 13.26
N GLN A 466 11.94 -8.63 12.21
CA GLN A 466 11.33 -7.86 11.14
C GLN A 466 10.50 -8.69 10.18
N THR A 467 9.44 -8.10 9.62
CA THR A 467 8.63 -8.78 8.61
C THR A 467 9.25 -8.76 7.21
N LEU A 468 8.77 -9.65 6.36
CA LEU A 468 9.07 -9.59 4.93
C LEU A 468 8.79 -8.19 4.37
N PHE A 469 7.71 -7.55 4.85
CA PHE A 469 7.39 -6.22 4.35
C PHE A 469 8.46 -5.21 4.77
N ALA A 470 8.89 -5.28 6.02
CA ALA A 470 9.88 -4.33 6.47
C ALA A 470 11.10 -4.50 5.60
N SER A 471 11.40 -5.77 5.33
CA SER A 471 12.61 -6.17 4.68
C SER A 471 12.66 -5.68 3.22
N GLN A 472 11.52 -5.71 2.53
CA GLN A 472 11.38 -5.10 1.21
C GLN A 472 11.35 -3.56 1.18
N VAL A 473 10.86 -2.93 2.24
CA VAL A 473 10.96 -1.49 2.31
C VAL A 473 12.41 -1.10 2.27
N MET A 474 13.24 -1.72 3.11
CA MET A 474 14.59 -1.24 3.31
C MET A 474 15.40 -1.48 2.05
N ARG A 475 15.06 -2.58 1.39
CA ARG A 475 15.84 -3.07 0.28
C ARG A 475 15.45 -2.40 -1.04
N TYR A 476 14.17 -2.10 -1.22
CA TYR A 476 13.72 -1.54 -2.51
C TYR A 476 13.32 -0.04 -2.52
N ALA A 477 12.94 0.50 -1.35
CA ALA A 477 12.40 1.83 -1.30
C ALA A 477 13.51 2.75 -0.85
N ASP A 478 13.94 3.64 -1.73
CA ASP A 478 15.08 4.47 -1.47
C ASP A 478 14.72 5.45 -0.43
N LEU A 479 13.56 6.08 -0.58
CA LEU A 479 12.94 6.90 0.46
C LEU A 479 11.52 6.40 0.79
N TYR A 480 11.07 6.69 2.00
CA TYR A 480 9.71 6.38 2.38
C TYR A 480 9.24 7.26 3.49
N ALA A 481 7.92 7.38 3.57
CA ALA A 481 7.27 8.33 4.43
C ALA A 481 5.86 7.87 4.64
N ALA A 482 5.19 8.50 5.59
CA ALA A 482 3.79 8.21 5.82
C ALA A 482 2.95 8.71 4.65
N SER A 483 3.45 9.74 3.94
CA SER A 483 2.79 10.36 2.78
C SER A 483 3.83 11.14 2.01
N PHE A 484 3.74 11.20 0.67
CA PHE A 484 4.72 11.96 -0.17
C PHE A 484 4.71 13.47 0.14
N ILE A 485 3.60 13.95 0.68
CA ILE A 485 3.53 15.36 1.02
C ILE A 485 4.69 15.76 1.92
N ASN A 486 5.31 14.79 2.58
CA ASN A 486 6.46 15.07 3.46
C ASN A 486 7.62 15.62 2.69
N LEU A 487 7.61 15.44 1.36
CA LEU A 487 8.63 16.06 0.51
C LEU A 487 8.61 17.59 0.55
N LEU A 488 7.47 18.17 0.86
CA LEU A 488 7.33 19.61 0.78
C LEU A 488 8.26 20.24 1.78
N TYR A 489 8.53 19.53 2.88
CA TYR A 489 9.33 20.10 3.98
C TYR A 489 10.86 20.03 3.80
N TYR A 490 11.31 19.48 2.67
CA TYR A 490 12.75 19.42 2.34
C TYR A 490 13.02 20.39 1.19
N PRO A 491 14.19 21.07 1.21
CA PRO A 491 14.54 22.03 0.15
C PRO A 491 14.81 21.29 -1.13
N PHE A 492 14.82 22.00 -2.25
CA PHE A 492 14.88 21.22 -3.50
C PHE A 492 16.25 20.59 -3.81
N SER A 493 17.25 21.08 -3.10
CA SER A 493 18.62 20.70 -3.32
C SER A 493 19.08 19.74 -2.22
N TYR A 494 18.14 19.36 -1.34
CA TYR A 494 18.45 18.52 -0.19
C TYR A 494 19.19 17.27 -0.59
N LEU A 495 20.13 16.84 0.25
CA LEU A 495 20.82 15.54 0.09
C LEU A 495 20.37 14.56 1.15
N PHE A 496 19.57 13.60 0.74
CA PHE A 496 19.05 12.63 1.65
C PHE A 496 20.15 11.63 1.83
N ARG A 497 20.48 11.30 3.07
CA ARG A 497 21.74 10.64 3.34
C ARG A 497 21.59 9.40 4.23
N ALA A 498 21.91 8.20 3.72
CA ALA A 498 21.94 6.95 4.52
C ALA A 498 23.37 6.47 4.78
N ALA A 499 23.60 5.89 5.96
CA ALA A 499 24.94 5.36 6.30
C ALA A 499 25.35 4.19 5.45
N HIS A 500 26.64 4.21 5.07
CA HIS A 500 27.27 3.15 4.27
C HIS A 500 27.23 1.86 5.06
N VAL A 501 26.77 0.80 4.39
CA VAL A 501 26.76 -0.56 4.97
C VAL A 501 28.18 -1.18 5.03
N LEU A 502 28.43 -1.89 6.13
CA LEU A 502 29.66 -2.65 6.33
C LEU A 502 29.36 -4.11 6.53
N MET A 503 30.22 -4.96 6.02
CA MET A 503 30.01 -6.37 6.22
C MET A 503 30.66 -6.76 7.55
N PRO A 504 30.15 -7.83 8.20
CA PRO A 504 30.75 -8.28 9.42
C PRO A 504 32.25 -8.17 9.35
N HIS A 505 32.90 -8.93 8.48
CA HIS A 505 34.37 -8.93 8.44
C HIS A 505 35.03 -7.55 8.20
N GLU A 506 34.26 -6.52 7.86
CA GLU A 506 34.86 -5.21 7.62
C GLU A 506 34.92 -4.32 8.87
N SER A 507 34.09 -4.61 9.86
CA SER A 507 33.96 -3.79 11.08
C SER A 507 35.20 -3.81 11.99
O01 11H B . 7.50 -10.10 -3.13
S02 11H B . 6.43 -11.06 -2.85
O03 11H B . 5.69 -10.57 -1.72
O04 11H B . 7.05 -12.30 -2.43
C05 11H B . 5.52 -11.12 -4.35
C06 11H B . 5.75 -12.11 -5.32
C07 11H B . 5.05 -12.08 -6.53
C08 11H B . 4.11 -11.02 -6.76
C09 11H B . 3.34 -10.96 -8.06
O10 11H B . 3.52 -11.80 -8.92
C11 11H B . 2.35 -9.82 -8.28
C12 11H B . 2.13 -8.85 -7.31
C13 11H B . 1.19 -7.80 -7.54
C14 11H B . 0.49 -7.74 -8.75
C15 11H B . 0.72 -8.73 -9.72
C16 11H B . 1.62 -9.76 -9.50
S17 11H B . -0.11 -8.71 -11.29
O18 11H B . -1.26 -9.63 -11.32
O19 11H B . 0.90 -9.03 -12.29
O20 11H B . -0.47 -7.36 -11.65
C21 11H B . 2.90 -8.92 -6.00
O22 11H B . 2.73 -8.08 -5.14
C23 11H B . 3.89 -10.05 -5.79
C24 11H B . 4.61 -10.10 -4.57
C1 GOL C . -0.72 17.38 -20.03
O1 GOL C . -1.90 16.87 -20.62
C2 GOL C . 0.50 16.74 -20.70
O2 GOL C . 0.21 15.43 -21.16
C3 GOL C . 0.99 17.66 -21.80
O3 GOL C . 0.24 18.86 -21.78
MG MG D . -1.15 2.61 -5.31
S SO4 E . 12.57 -10.23 -2.24
O1 SO4 E . 11.61 -9.78 -3.25
O2 SO4 E . 11.69 -10.33 -1.09
O3 SO4 E . 13.14 -11.54 -2.58
O4 SO4 E . 13.66 -9.27 -2.01
S SO4 F . -2.53 -0.70 -7.85
O1 SO4 F . -2.98 0.54 -7.24
O2 SO4 F . -3.36 -1.12 -8.99
O3 SO4 F . -2.62 -1.71 -6.78
O4 SO4 F . -1.18 -0.47 -8.34
S SO4 G . -22.05 -11.63 -13.20
O1 SO4 G . -23.27 -11.39 -13.95
O2 SO4 G . -22.40 -11.56 -11.79
O3 SO4 G . -21.06 -10.58 -13.49
O4 SO4 G . -21.49 -12.97 -13.49
S SO4 H . 8.41 -24.23 19.17
O1 SO4 H . 8.38 -23.00 18.37
O2 SO4 H . 7.87 -23.96 20.51
O3 SO4 H . 7.60 -25.24 18.51
O4 SO4 H . 9.76 -24.79 19.31
S SO4 I . 12.23 -19.48 13.45
O1 SO4 I . 12.51 -19.16 12.05
O2 SO4 I . 10.87 -18.97 13.74
O3 SO4 I . 12.31 -20.92 13.67
O4 SO4 I . 13.23 -18.78 14.27
#